data_6XZK
#
_entry.id   6XZK
#
_cell.length_a   66.112
_cell.length_b   66.112
_cell.length_c   262.488
_cell.angle_alpha   90.000
_cell.angle_beta   90.000
_cell.angle_gamma   120.000
#
_symmetry.space_group_name_H-M   'P 65 2 2'
#
loop_
_entity.id
_entity.type
_entity.pdbx_description
1 polymer 'Vitamin D3 receptor A'
2 polymer GLU-ASN-ALA-UIA-URL-URY-URV-UZN-LYS
3 non-polymer 5-{2-[1-(5-HYDROXY-1,5-DIMETHYL-HEXYL)-7A-METHYL-OCTAHYDRO-INDEN-4-YLIDENE]-ETHYLIDENE}-4-METHYLENE-CYCLOHEXANE-1,3-DIOL
4 non-polymer 'ACETATE ION'
5 water water
#
loop_
_entity_poly.entity_id
_entity_poly.type
_entity_poly.pdbx_seq_one_letter_code
_entity_poly.pdbx_strand_id
1 'polypeptide(L)'
;GSHMLSDEQMQIINSLVEAHHKTYDDSYSDFVRFRPPVREGPVTRSASRAASLHSLSDASSDSFNHSPESVDTKLNFSNL
LMMYQDSGSPDSSEEDQQSRLSMLPHLADLVSYSIQKVIGFAKMIPGFRDLTAEDQIALLKSSAIEIIMLRSNQSFSLED
MSWSCGGPDFKYCINDVTKAGHTLELLEPLVKFQVGLKKLKLHEEEHVLLMAICLLSPDRPGVQDHVRIEALQDRLCDVL
QAYIRIQHPGGRLLYAKMIQKLADLRSLNEEHSKQYRSLSFQPEHSMQLTPLVLEVFGSEVS
;
A
2 'polypeptide(L)' ENA(UIA)(URL)(MFH)(URV)(UZN)K B
#
loop_
_chem_comp.id
_chem_comp.type
_chem_comp.name
_chem_comp.formula
ACT non-polymer 'ACETATE ION' 'C2 H3 O2 -1'
URL non-polymer '[(2~{S})-2-azanyl-4-methyl-pentyl]carbamic acid' 'C7 H16 N2 O2'
VDX non-polymer 5-{2-[1-(5-HYDROXY-1,5-DIMETHYL-HEXYL)-7A-METHYL-OCTAHYDRO-INDEN-4-YLIDENE]-ETHYLIDENE}-4-METHYLENE-CYCLOHEXANE-1,3-DIOL 'C27 H44 O3'
#
# COMPACT_ATOMS: atom_id res chain seq x y z
N HIS A 3 -9.68 -29.57 2.78
CA HIS A 3 -9.76 -29.09 1.40
C HIS A 3 -10.99 -28.19 1.24
N MET A 4 -11.58 -27.79 2.36
CA MET A 4 -12.75 -26.93 2.40
C MET A 4 -12.44 -25.68 3.21
N LEU A 5 -13.01 -24.55 2.78
CA LEU A 5 -12.84 -23.29 3.49
C LEU A 5 -13.92 -23.18 4.56
N SER A 6 -13.51 -22.86 5.79
CA SER A 6 -14.47 -22.74 6.87
C SER A 6 -15.32 -21.49 6.71
N ASP A 7 -16.42 -21.44 7.45
CA ASP A 7 -17.32 -20.29 7.37
C ASP A 7 -16.65 -19.02 7.89
N GLU A 8 -15.82 -19.14 8.91
CA GLU A 8 -15.08 -17.98 9.40
C GLU A 8 -14.01 -17.56 8.40
N GLN A 9 -13.32 -18.52 7.79
CA GLN A 9 -12.34 -18.19 6.76
C GLN A 9 -13.01 -17.53 5.56
N MET A 10 -14.20 -18.01 5.18
CA MET A 10 -14.93 -17.41 4.07
C MET A 10 -15.37 -16.00 4.42
N GLN A 11 -15.82 -15.77 5.65
CA GLN A 11 -16.22 -14.43 6.04
C GLN A 11 -15.05 -13.47 6.10
N ILE A 12 -13.85 -13.96 6.41
CA ILE A 12 -12.66 -13.12 6.39
C ILE A 12 -12.40 -12.60 4.98
N ILE A 13 -12.51 -13.49 3.98
CA ILE A 13 -12.32 -13.09 2.59
C ILE A 13 -13.39 -12.09 2.19
N ASN A 14 -14.66 -12.38 2.52
CA ASN A 14 -15.74 -11.46 2.20
C ASN A 14 -15.51 -10.08 2.80
N SER A 15 -15.03 -10.05 4.05
CA SER A 15 -14.79 -8.76 4.70
C SER A 15 -13.66 -8.00 4.02
N LEU A 16 -12.62 -8.70 3.57
CA LEU A 16 -11.48 -8.02 2.96
C LEU A 16 -11.80 -7.51 1.56
N VAL A 17 -12.53 -8.29 0.77
N VAL A 17 -12.50 -8.31 0.77
CA VAL A 17 -12.88 -7.84 -0.57
CA VAL A 17 -12.91 -7.87 -0.56
C VAL A 17 -13.90 -6.71 -0.52
C VAL A 17 -13.83 -6.67 -0.46
N GLU A 18 -14.78 -6.72 0.48
CA GLU A 18 -15.69 -5.59 0.67
C GLU A 18 -14.95 -4.36 1.16
N ALA A 19 -13.94 -4.57 2.02
CA ALA A 19 -13.13 -3.45 2.50
C ALA A 19 -12.39 -2.77 1.34
N HIS A 20 -11.83 -3.58 0.43
CA HIS A 20 -11.09 -3.01 -0.69
C HIS A 20 -12.01 -2.27 -1.65
N HIS A 21 -13.21 -2.82 -1.91
CA HIS A 21 -14.13 -2.14 -2.81
C HIS A 21 -14.60 -0.81 -2.24
N LYS A 22 -14.74 -0.73 -0.91
CA LYS A 22 -15.14 0.52 -0.28
C LYS A 22 -14.04 1.56 -0.28
N THR A 23 -12.78 1.15 -0.44
CA THR A 23 -11.65 2.05 -0.33
C THR A 23 -10.84 2.21 -1.61
N TYR A 24 -11.21 1.54 -2.70
CA TYR A 24 -10.54 1.69 -3.98
C TYR A 24 -11.61 2.00 -5.03
N ASP A 25 -11.56 3.21 -5.58
CA ASP A 25 -12.53 3.67 -6.56
C ASP A 25 -11.93 3.50 -7.95
N ASP A 26 -12.45 2.52 -8.70
CA ASP A 26 -11.92 2.22 -10.02
C ASP A 26 -12.12 3.35 -11.03
N SER A 27 -13.00 4.30 -10.73
CA SER A 27 -13.23 5.41 -11.65
C SER A 27 -12.15 6.49 -11.54
N TYR A 28 -11.48 6.58 -10.40
CA TYR A 28 -10.45 7.60 -10.16
C TYR A 28 -10.99 9.01 -10.37
N SER A 29 -12.29 9.19 -10.15
CA SER A 29 -12.90 10.49 -10.35
C SER A 29 -12.47 11.51 -9.30
N ASP A 30 -11.97 11.05 -8.15
CA ASP A 30 -11.48 11.99 -7.14
C ASP A 30 -10.16 12.63 -7.53
N PHE A 31 -9.45 12.08 -8.52
CA PHE A 31 -8.12 12.57 -8.86
C PHE A 31 -8.16 14.01 -9.36
N VAL A 32 -9.30 14.48 -9.87
CA VAL A 32 -9.38 15.85 -10.35
C VAL A 32 -9.28 16.86 -9.20
N ARG A 33 -9.49 16.43 -7.96
CA ARG A 33 -9.39 17.32 -6.81
C ARG A 33 -7.97 17.47 -6.31
N PHE A 34 -7.03 16.67 -6.80
CA PHE A 34 -5.63 16.86 -6.43
C PHE A 34 -5.08 18.10 -7.13
N ARG A 35 -4.00 18.63 -6.57
CA ARG A 35 -3.24 19.64 -7.29
C ARG A 35 -2.83 19.09 -8.66
N PRO A 36 -2.92 19.89 -9.72
CA PRO A 36 -2.80 19.32 -11.07
C PRO A 36 -1.39 18.83 -11.34
N PRO A 37 -1.24 17.80 -12.15
CA PRO A 37 0.10 17.38 -12.58
C PRO A 37 0.60 18.31 -13.68
N VAL A 38 1.89 18.65 -13.60
CA VAL A 38 2.53 19.46 -14.63
C VAL A 38 3.83 18.78 -15.03
N ARG A 39 4.12 18.80 -16.33
CA ARG A 39 5.29 18.14 -16.87
C ARG A 39 6.05 19.07 -17.80
N ARG A 100 11.76 22.20 -11.40
CA ARG A 100 12.20 21.73 -10.10
C ARG A 100 11.09 20.98 -9.38
N LEU A 101 11.01 19.67 -9.65
CA LEU A 101 10.04 18.76 -9.02
C LEU A 101 8.61 19.22 -9.32
N SER A 102 8.30 19.29 -10.62
CA SER A 102 6.99 19.77 -11.04
C SER A 102 5.86 18.80 -10.69
N MET A 103 6.15 17.52 -10.56
CA MET A 103 5.12 16.52 -10.27
C MET A 103 4.92 16.26 -8.77
N LEU A 104 5.72 16.90 -7.91
CA LEU A 104 5.58 16.66 -6.47
C LEU A 104 4.22 17.02 -5.92
N PRO A 105 3.63 18.19 -6.21
CA PRO A 105 2.30 18.49 -5.64
C PRO A 105 1.23 17.46 -5.99
N HIS A 106 1.17 17.04 -7.25
CA HIS A 106 0.13 16.09 -7.65
C HIS A 106 0.37 14.73 -7.00
N LEU A 107 1.60 14.22 -7.04
CA LEU A 107 1.88 12.91 -6.48
C LEU A 107 1.83 12.92 -4.96
N ALA A 108 2.10 14.07 -4.33
CA ALA A 108 1.92 14.17 -2.89
C ALA A 108 0.44 14.05 -2.53
N ASP A 109 -0.43 14.71 -3.29
CA ASP A 109 -1.87 14.58 -3.05
C ASP A 109 -2.34 13.16 -3.34
N LEU A 110 -1.83 12.55 -4.42
CA LEU A 110 -2.21 11.19 -4.75
C LEU A 110 -1.86 10.22 -3.63
N VAL A 111 -0.64 10.32 -3.11
CA VAL A 111 -0.21 9.42 -2.05
C VAL A 111 -0.97 9.70 -0.76
N SER A 112 -1.17 10.99 -0.44
CA SER A 112 -1.92 11.34 0.76
C SER A 112 -3.34 10.81 0.71
N TYR A 113 -4.00 11.00 -0.44
CA TYR A 113 -5.33 10.40 -0.65
C TYR A 113 -5.29 8.90 -0.46
N SER A 114 -4.23 8.24 -0.96
CA SER A 114 -4.15 6.79 -0.87
C SER A 114 -3.87 6.31 0.56
N ILE A 115 -3.12 7.10 1.34
CA ILE A 115 -2.88 6.73 2.73
C ILE A 115 -4.19 6.67 3.49
N GLN A 116 -5.08 7.64 3.27
CA GLN A 116 -6.37 7.65 3.95
C GLN A 116 -7.22 6.45 3.53
N LYS A 117 -7.12 6.03 2.27
CA LYS A 117 -7.81 4.82 1.83
C LYS A 117 -7.24 3.59 2.53
N VAL A 118 -5.92 3.53 2.69
CA VAL A 118 -5.30 2.40 3.38
C VAL A 118 -5.75 2.36 4.84
N ILE A 119 -5.91 3.53 5.46
CA ILE A 119 -6.42 3.58 6.83
C ILE A 119 -7.81 2.98 6.90
N GLY A 120 -8.68 3.35 5.96
CA GLY A 120 -10.03 2.79 5.95
C GLY A 120 -10.03 1.29 5.67
N PHE A 121 -9.13 0.83 4.82
CA PHE A 121 -9.00 -0.60 4.56
C PHE A 121 -8.52 -1.33 5.82
N ALA A 122 -7.50 -0.78 6.49
CA ALA A 122 -6.96 -1.43 7.67
C ALA A 122 -8.01 -1.54 8.77
N LYS A 123 -8.83 -0.49 8.95
CA LYS A 123 -9.84 -0.51 9.99
C LYS A 123 -10.87 -1.62 9.77
N MET A 124 -11.11 -2.00 8.52
CA MET A 124 -12.07 -3.04 8.20
C MET A 124 -11.45 -4.44 8.17
N ILE A 125 -10.16 -4.56 8.43
CA ILE A 125 -9.56 -5.88 8.55
C ILE A 125 -10.04 -6.53 9.84
N PRO A 126 -10.55 -7.77 9.79
CA PRO A 126 -11.04 -8.41 11.02
C PRO A 126 -9.92 -8.57 12.04
N GLY A 127 -10.13 -8.00 13.23
CA GLY A 127 -9.20 -8.05 14.32
C GLY A 127 -8.35 -6.80 14.48
N PHE A 128 -8.14 -6.06 13.38
CA PHE A 128 -7.30 -4.86 13.44
C PHE A 128 -7.86 -3.85 14.44
N ARG A 129 -9.18 -3.66 14.44
CA ARG A 129 -9.80 -2.72 15.37
C ARG A 129 -9.64 -3.14 16.82
N ASP A 130 -9.41 -4.44 17.07
CA ASP A 130 -9.22 -4.92 18.43
C ASP A 130 -7.85 -4.58 18.98
N LEU A 131 -6.90 -4.22 18.13
CA LEU A 131 -5.58 -3.81 18.61
C LEU A 131 -5.65 -2.46 19.29
N THR A 132 -4.65 -2.18 20.12
CA THR A 132 -4.54 -0.87 20.73
C THR A 132 -4.35 0.20 19.66
N ALA A 133 -4.72 1.44 20.01
CA ALA A 133 -4.56 2.53 19.06
C ALA A 133 -3.10 2.71 18.65
N GLU A 134 -2.18 2.58 19.62
CA GLU A 134 -0.76 2.73 19.31
C GLU A 134 -0.29 1.65 18.34
N ASP A 135 -0.75 0.40 18.53
CA ASP A 135 -0.37 -0.67 17.63
C ASP A 135 -0.93 -0.44 16.22
N GLN A 136 -2.17 0.02 16.12
CA GLN A 136 -2.74 0.31 14.80
C GLN A 136 -1.94 1.38 14.07
N ILE A 137 -1.56 2.45 14.79
CA ILE A 137 -0.79 3.52 14.18
C ILE A 137 0.59 3.02 13.75
N ALA A 138 1.25 2.23 14.61
CA ALA A 138 2.58 1.74 14.29
C ALA A 138 2.56 0.85 13.05
N LEU A 139 1.56 -0.04 12.97
CA LEU A 139 1.44 -0.90 11.79
C LEU A 139 1.22 -0.08 10.53
N LEU A 140 0.33 0.91 10.59
CA LEU A 140 0.02 1.70 9.42
C LEU A 140 1.20 2.57 8.99
N LYS A 141 1.86 3.21 9.96
CA LYS A 141 3.01 4.06 9.64
C LYS A 141 4.08 3.27 8.89
N SER A 142 4.38 2.05 9.34
CA SER A 142 5.48 1.30 8.75
C SER A 142 5.10 0.67 7.41
N SER A 143 3.84 0.34 7.21
CA SER A 143 3.43 -0.43 6.04
C SER A 143 2.70 0.40 4.98
N ALA A 144 2.40 1.66 5.25
CA ALA A 144 1.55 2.45 4.35
C ALA A 144 2.14 2.51 2.95
N ILE A 145 3.45 2.78 2.84
CA ILE A 145 4.07 2.88 1.52
C ILE A 145 4.04 1.53 0.81
N GLU A 146 4.12 0.43 1.56
CA GLU A 146 4.07 -0.89 0.94
C GLU A 146 2.67 -1.21 0.43
N ILE A 147 1.64 -0.89 1.21
CA ILE A 147 0.26 -1.14 0.78
C ILE A 147 -0.06 -0.29 -0.44
N ILE A 148 0.46 0.94 -0.47
CA ILE A 148 0.27 1.80 -1.64
C ILE A 148 0.92 1.19 -2.86
N MET A 149 2.14 0.66 -2.71
CA MET A 149 2.80 0.00 -3.83
C MET A 149 2.04 -1.25 -4.27
N LEU A 150 1.51 -2.01 -3.31
CA LEU A 150 0.71 -3.18 -3.65
C LEU A 150 -0.58 -2.80 -4.35
N ARG A 151 -1.36 -1.89 -3.73
CA ARG A 151 -2.65 -1.53 -4.29
C ARG A 151 -2.52 -0.82 -5.64
N SER A 152 -1.37 -0.20 -5.91
CA SER A 152 -1.17 0.49 -7.18
C SER A 152 -1.04 -0.47 -8.35
N ASN A 153 -0.80 -1.77 -8.09
CA ASN A 153 -0.73 -2.73 -9.18
C ASN A 153 -2.03 -2.81 -9.95
N GLN A 154 -3.16 -2.46 -9.32
CA GLN A 154 -4.44 -2.51 -9.98
C GLN A 154 -4.53 -1.51 -11.13
N SER A 155 -3.80 -0.39 -11.04
CA SER A 155 -3.75 0.59 -12.12
C SER A 155 -2.53 0.39 -13.02
N PHE A 156 -1.62 -0.52 -12.68
CA PHE A 156 -0.43 -0.74 -13.48
C PHE A 156 -0.77 -1.57 -14.72
N SER A 157 -0.10 -1.27 -15.83
CA SER A 157 -0.33 -1.97 -17.09
C SER A 157 1.01 -2.43 -17.66
N LEU A 158 1.08 -3.73 -17.99
CA LEU A 158 2.29 -4.25 -18.63
C LEU A 158 2.48 -3.67 -20.03
N GLU A 159 1.38 -3.34 -20.72
CA GLU A 159 1.48 -2.76 -22.05
C GLU A 159 2.11 -1.37 -22.00
N ASP A 160 1.73 -0.56 -21.02
CA ASP A 160 2.23 0.80 -20.91
C ASP A 160 3.43 0.93 -19.99
N MET A 161 3.67 -0.05 -19.13
CA MET A 161 4.72 0.03 -18.09
C MET A 161 4.53 1.26 -17.22
N SER A 162 3.27 1.66 -17.02
CA SER A 162 2.96 2.85 -16.24
C SER A 162 1.65 2.62 -15.51
N TRP A 163 1.32 3.54 -14.61
CA TRP A 163 0.05 3.50 -13.88
C TRP A 163 -0.97 4.37 -14.60
N SER A 164 -2.05 3.75 -15.05
CA SER A 164 -3.11 4.44 -15.78
C SER A 164 -4.33 4.60 -14.88
N CYS A 165 -4.75 5.85 -14.67
CA CYS A 165 -5.84 6.17 -13.76
C CYS A 165 -6.86 7.09 -14.45
N GLY A 166 -7.24 6.74 -15.67
CA GLY A 166 -8.29 7.44 -16.37
C GLY A 166 -7.86 8.76 -17.00
N GLY A 167 -7.30 8.67 -18.19
CA GLY A 167 -6.90 9.86 -18.93
C GLY A 167 -5.41 10.03 -18.99
N PRO A 168 -4.94 10.93 -19.86
CA PRO A 168 -3.49 11.15 -19.99
C PRO A 168 -2.94 12.00 -18.86
N ASP A 169 -3.77 12.85 -18.26
CA ASP A 169 -3.32 13.66 -17.13
C ASP A 169 -2.94 12.77 -15.94
N PHE A 170 -3.65 11.67 -15.75
CA PHE A 170 -3.47 10.78 -14.61
C PHE A 170 -2.84 9.45 -15.02
N LYS A 171 -1.90 9.52 -15.97
CA LYS A 171 -1.11 8.38 -16.40
C LYS A 171 0.34 8.66 -16.00
N TYR A 172 0.86 7.85 -15.08
CA TYR A 172 2.14 8.13 -14.43
C TYR A 172 3.18 7.11 -14.87
N CYS A 173 4.25 7.60 -15.51
CA CYS A 173 5.38 6.78 -15.90
C CYS A 173 6.56 7.08 -14.98
N ILE A 174 7.68 6.41 -15.24
CA ILE A 174 8.89 6.59 -14.43
C ILE A 174 9.35 8.05 -14.51
N ASN A 175 9.28 8.65 -15.69
CA ASN A 175 9.71 10.04 -15.85
C ASN A 175 8.92 10.97 -14.96
N ASP A 176 7.62 10.70 -14.76
CA ASP A 176 6.82 11.55 -13.89
C ASP A 176 7.29 11.51 -12.44
N VAL A 177 7.72 10.33 -11.98
CA VAL A 177 8.09 10.21 -10.57
C VAL A 177 9.47 10.82 -10.32
N THR A 178 10.33 10.86 -11.33
CA THR A 178 11.59 11.59 -11.17
C THR A 178 11.34 13.07 -10.93
N LYS A 179 10.27 13.61 -11.50
CA LYS A 179 9.86 14.99 -11.22
C LYS A 179 9.15 15.13 -9.89
N ALA A 180 9.23 14.12 -9.02
CA ALA A 180 8.75 14.22 -7.65
C ALA A 180 9.86 14.00 -6.64
N GLY A 181 11.11 13.95 -7.10
CA GLY A 181 12.26 13.85 -6.22
C GLY A 181 12.86 12.47 -6.06
N HIS A 182 12.45 11.50 -6.87
CA HIS A 182 12.94 10.14 -6.75
C HIS A 182 13.77 9.76 -7.97
N THR A 183 14.70 8.83 -7.76
CA THR A 183 15.66 8.45 -8.78
C THR A 183 15.41 7.00 -9.21
N LEU A 184 16.15 6.59 -10.24
CA LEU A 184 15.98 5.25 -10.78
C LEU A 184 16.40 4.16 -9.80
N GLU A 185 17.17 4.51 -8.77
CA GLU A 185 17.52 3.52 -7.75
C GLU A 185 16.29 3.00 -7.03
N LEU A 186 15.21 3.79 -7.00
CA LEU A 186 13.92 3.35 -6.48
C LEU A 186 12.95 2.96 -7.59
N LEU A 187 12.88 3.75 -8.66
CA LEU A 187 11.84 3.56 -9.66
C LEU A 187 12.06 2.31 -10.50
N GLU A 188 13.32 1.95 -10.77
CA GLU A 188 13.59 0.71 -11.49
C GLU A 188 13.12 -0.52 -10.72
N PRO A 189 13.55 -0.74 -9.47
CA PRO A 189 13.01 -1.91 -8.73
C PRO A 189 11.51 -1.83 -8.51
N LEU A 190 10.95 -0.62 -8.38
CA LEU A 190 9.51 -0.49 -8.21
C LEU A 190 8.76 -0.97 -9.45
N VAL A 191 9.24 -0.60 -10.63
CA VAL A 191 8.58 -1.03 -11.86
C VAL A 191 8.80 -2.52 -12.09
N LYS A 192 10.00 -3.03 -11.79
CA LYS A 192 10.23 -4.46 -11.86
C LYS A 192 9.33 -5.22 -10.90
N PHE A 193 9.06 -4.63 -9.74
CA PHE A 193 8.13 -5.23 -8.78
C PHE A 193 6.71 -5.27 -9.37
N GLN A 194 6.26 -4.16 -9.94
CA GLN A 194 4.92 -4.11 -10.52
C GLN A 194 4.77 -5.12 -11.64
N VAL A 195 5.82 -5.32 -12.44
CA VAL A 195 5.75 -6.29 -13.53
C VAL A 195 5.65 -7.70 -12.97
N GLY A 196 6.51 -8.04 -12.01
CA GLY A 196 6.48 -9.38 -11.45
C GLY A 196 5.18 -9.67 -10.70
N LEU A 197 4.62 -8.67 -10.03
CA LEU A 197 3.35 -8.84 -9.35
C LEU A 197 2.21 -8.98 -10.36
N LYS A 198 2.24 -8.18 -11.44
CA LYS A 198 1.20 -8.27 -12.45
C LYS A 198 1.19 -9.64 -13.11
N LYS A 199 2.36 -10.24 -13.30
CA LYS A 199 2.45 -11.54 -13.95
C LYS A 199 1.92 -12.66 -13.08
N LEU A 200 1.80 -12.44 -11.77
CA LEU A 200 1.19 -13.45 -10.91
C LEU A 200 -0.29 -13.63 -11.19
N LYS A 201 -0.94 -12.62 -11.77
CA LYS A 201 -2.36 -12.67 -12.12
C LYS A 201 -3.20 -13.04 -10.90
N LEU A 202 -2.95 -12.33 -9.80
CA LEU A 202 -3.64 -12.63 -8.55
C LEU A 202 -5.13 -12.36 -8.67
N HIS A 203 -5.92 -13.26 -8.10
CA HIS A 203 -7.34 -12.97 -7.91
C HIS A 203 -7.49 -11.82 -6.91
N GLU A 204 -8.64 -11.15 -6.98
CA GLU A 204 -8.90 -10.06 -6.05
C GLU A 204 -8.85 -10.56 -4.61
N GLU A 205 -9.29 -11.79 -4.36
CA GLU A 205 -9.17 -12.38 -3.03
C GLU A 205 -7.71 -12.47 -2.60
N GLU A 206 -6.85 -12.98 -3.49
CA GLU A 206 -5.43 -13.08 -3.17
C GLU A 206 -4.80 -11.70 -3.05
N HIS A 207 -5.24 -10.75 -3.87
CA HIS A 207 -4.68 -9.39 -3.83
C HIS A 207 -4.98 -8.72 -2.49
N VAL A 208 -6.21 -8.82 -2.00
CA VAL A 208 -6.57 -8.16 -0.76
C VAL A 208 -6.03 -8.91 0.45
N LEU A 209 -5.91 -10.23 0.35
CA LEU A 209 -5.29 -11.00 1.44
C LEU A 209 -3.82 -10.63 1.59
N LEU A 210 -3.13 -10.43 0.48
CA LEU A 210 -1.72 -10.04 0.53
C LEU A 210 -1.55 -8.66 1.17
N MET A 211 -2.47 -7.74 0.89
CA MET A 211 -2.41 -6.43 1.51
C MET A 211 -2.66 -6.52 3.01
N ALA A 212 -3.64 -7.32 3.42
CA ALA A 212 -3.93 -7.47 4.85
C ALA A 212 -2.78 -8.18 5.56
N ILE A 213 -2.17 -9.18 4.92
CA ILE A 213 -1.03 -9.86 5.51
C ILE A 213 0.15 -8.90 5.63
N CYS A 214 0.39 -8.09 4.60
CA CYS A 214 1.46 -7.11 4.66
C CYS A 214 1.24 -6.12 5.78
N LEU A 215 0.01 -5.66 5.97
CA LEU A 215 -0.27 -4.64 6.97
C LEU A 215 -0.18 -5.22 8.39
N LEU A 216 -0.62 -6.46 8.58
CA LEU A 216 -0.57 -7.11 9.88
C LEU A 216 0.76 -7.82 10.15
N SER A 217 1.85 -7.28 9.64
CA SER A 217 3.16 -7.88 9.90
C SER A 217 3.58 -7.57 11.33
N PRO A 218 4.00 -8.58 12.10
CA PRO A 218 4.40 -8.32 13.49
C PRO A 218 5.74 -7.63 13.61
N ASP A 219 6.62 -7.78 12.62
CA ASP A 219 7.98 -7.25 12.70
C ASP A 219 8.02 -5.84 12.09
N ARG A 220 7.34 -4.93 12.78
CA ARG A 220 7.32 -3.53 12.39
C ARG A 220 7.77 -2.67 13.57
N PRO A 221 8.50 -1.59 13.31
CA PRO A 221 8.90 -0.69 14.40
C PRO A 221 7.70 -0.18 15.19
N GLY A 222 7.87 -0.11 16.50
CA GLY A 222 6.88 0.49 17.39
C GLY A 222 5.75 -0.42 17.81
N VAL A 223 5.75 -1.68 17.41
CA VAL A 223 4.66 -2.59 17.75
C VAL A 223 4.84 -3.11 19.17
N GLN A 224 3.74 -3.15 19.93
CA GLN A 224 3.76 -3.62 21.31
C GLN A 224 3.33 -5.09 21.42
N ASP A 225 2.12 -5.40 20.98
CA ASP A 225 1.56 -6.75 21.13
C ASP A 225 1.94 -7.58 19.91
N HIS A 226 3.20 -8.02 19.89
CA HIS A 226 3.70 -8.77 18.74
C HIS A 226 3.02 -10.13 18.60
N VAL A 227 2.67 -10.76 19.73
CA VAL A 227 2.08 -12.09 19.67
C VAL A 227 0.66 -12.03 19.11
N ARG A 228 -0.14 -11.06 19.57
CA ARG A 228 -1.51 -10.96 19.09
C ARG A 228 -1.56 -10.59 17.61
N ILE A 229 -0.65 -9.72 17.17
CA ILE A 229 -0.64 -9.32 15.77
C ILE A 229 -0.19 -10.48 14.88
N GLU A 230 0.78 -11.26 15.34
CA GLU A 230 1.23 -12.41 14.55
C GLU A 230 0.14 -13.47 14.45
N ALA A 231 -0.62 -13.67 15.52
CA ALA A 231 -1.72 -14.64 15.47
C ALA A 231 -2.79 -14.20 14.48
N LEU A 232 -3.03 -12.90 14.37
CA LEU A 232 -3.95 -12.39 13.36
C LEU A 232 -3.39 -12.58 11.95
N GLN A 233 -2.10 -12.31 11.77
CA GLN A 233 -1.47 -12.52 10.47
C GLN A 233 -1.42 -13.99 10.11
N ASP A 234 -1.14 -14.85 11.09
CA ASP A 234 -1.10 -16.30 10.83
C ASP A 234 -2.45 -16.80 10.35
N ARG A 235 -3.54 -16.30 10.93
CA ARG A 235 -4.86 -16.71 10.48
C ARG A 235 -5.12 -16.25 9.05
N LEU A 236 -4.64 -15.06 8.70
CA LEU A 236 -4.78 -14.58 7.33
C LEU A 236 -3.96 -15.42 6.36
N CYS A 237 -2.77 -15.86 6.78
CA CYS A 237 -1.94 -16.69 5.93
C CYS A 237 -2.59 -18.06 5.71
N ASP A 238 -3.22 -18.61 6.75
CA ASP A 238 -3.90 -19.89 6.59
C ASP A 238 -5.07 -19.77 5.62
N VAL A 239 -5.79 -18.64 5.67
CA VAL A 239 -6.87 -18.40 4.72
C VAL A 239 -6.32 -18.35 3.30
N LEU A 240 -5.22 -17.61 3.09
CA LEU A 240 -4.62 -17.48 1.77
C LEU A 240 -4.15 -18.84 1.25
N GLN A 241 -3.46 -19.62 2.10
CA GLN A 241 -3.00 -20.94 1.68
C GLN A 241 -4.17 -21.85 1.35
N ALA A 242 -5.22 -21.82 2.17
CA ALA A 242 -6.39 -22.64 1.89
C ALA A 242 -7.11 -22.19 0.62
N TYR A 243 -7.15 -20.87 0.39
CA TYR A 243 -7.75 -20.36 -0.84
C TYR A 243 -6.97 -20.83 -2.07
N ILE A 244 -5.63 -20.78 -1.99
CA ILE A 244 -4.80 -21.15 -3.13
C ILE A 244 -4.91 -22.63 -3.42
N ARG A 245 -4.96 -23.47 -2.38
CA ARG A 245 -5.11 -24.90 -2.59
C ARG A 245 -6.43 -25.23 -3.28
N ILE A 246 -7.50 -24.53 -2.90
CA ILE A 246 -8.81 -24.80 -3.49
C ILE A 246 -8.87 -24.26 -4.91
N GLN A 247 -8.39 -23.04 -5.12
CA GLN A 247 -8.59 -22.34 -6.38
C GLN A 247 -7.53 -22.67 -7.42
N HIS A 248 -6.33 -23.08 -7.00
CA HIS A 248 -5.23 -23.40 -7.91
C HIS A 248 -4.77 -24.84 -7.66
N PRO A 249 -5.50 -25.84 -8.19
CA PRO A 249 -5.05 -27.23 -8.05
C PRO A 249 -3.69 -27.46 -8.72
N GLY A 250 -2.68 -27.76 -7.91
N LEU A 253 3.10 -23.22 -5.20
CA LEU A 253 4.21 -22.34 -5.58
C LEU A 253 3.79 -20.88 -5.55
N LEU A 254 2.50 -20.62 -5.76
CA LEU A 254 2.01 -19.24 -5.78
C LEU A 254 2.17 -18.58 -4.42
N TYR A 255 1.92 -19.31 -3.34
CA TYR A 255 2.03 -18.73 -2.00
C TYR A 255 3.46 -18.29 -1.72
N ALA A 256 4.44 -19.09 -2.13
CA ALA A 256 5.84 -18.70 -1.95
C ALA A 256 6.18 -17.48 -2.79
N LYS A 257 5.62 -17.38 -4.00
CA LYS A 257 5.82 -16.18 -4.82
C LYS A 257 5.22 -14.95 -4.14
N MET A 258 4.03 -15.09 -3.54
CA MET A 258 3.40 -13.96 -2.88
C MET A 258 4.18 -13.53 -1.64
N ILE A 259 4.68 -14.50 -0.87
CA ILE A 259 5.49 -14.17 0.30
C ILE A 259 6.77 -13.46 -0.12
N GLN A 260 7.35 -13.86 -1.26
CA GLN A 260 8.54 -13.19 -1.76
C GLN A 260 8.28 -11.72 -2.06
N LYS A 261 7.08 -11.41 -2.57
CA LYS A 261 6.75 -10.02 -2.86
C LYS A 261 6.74 -9.16 -1.59
N LEU A 262 6.40 -9.77 -0.45
CA LEU A 262 6.47 -9.04 0.81
C LEU A 262 7.89 -8.65 1.16
N ALA A 263 8.85 -9.56 0.90
CA ALA A 263 10.25 -9.22 1.10
C ALA A 263 10.71 -8.14 0.14
N ASP A 264 10.20 -8.16 -1.10
CA ASP A 264 10.52 -7.10 -2.06
C ASP A 264 9.99 -5.75 -1.58
N LEU A 265 8.81 -5.74 -0.96
CA LEU A 265 8.24 -4.49 -0.46
C LEU A 265 9.09 -3.89 0.66
N ARG A 266 9.75 -4.74 1.45
CA ARG A 266 10.66 -4.23 2.47
C ARG A 266 11.82 -3.46 1.84
N SER A 267 12.39 -4.01 0.77
CA SER A 267 13.49 -3.32 0.09
C SER A 267 13.02 -2.01 -0.54
N LEU A 268 11.82 -2.01 -1.11
CA LEU A 268 11.28 -0.78 -1.68
C LEU A 268 10.95 0.24 -0.58
N ASN A 269 10.46 -0.25 0.56
CA ASN A 269 10.25 0.62 1.71
C ASN A 269 11.54 1.30 2.12
N GLU A 270 12.64 0.54 2.16
CA GLU A 270 13.93 1.10 2.54
C GLU A 270 14.37 2.21 1.60
N GLU A 271 14.38 1.92 0.30
CA GLU A 271 14.88 2.89 -0.67
C GLU A 271 14.00 4.13 -0.71
N HIS A 272 12.68 3.96 -0.59
CA HIS A 272 11.81 5.13 -0.56
C HIS A 272 12.05 5.97 0.69
N SER A 273 12.21 5.32 1.85
CA SER A 273 12.49 6.05 3.08
C SER A 273 13.80 6.83 2.98
N LYS A 274 14.80 6.22 2.37
CA LYS A 274 16.07 6.92 2.13
C LYS A 274 15.86 8.15 1.27
N GLN A 275 15.14 8.00 0.15
CA GLN A 275 14.96 9.12 -0.76
C GLN A 275 13.94 10.12 -0.23
N TYR A 276 12.98 9.67 0.57
CA TYR A 276 12.04 10.62 1.18
C TYR A 276 12.74 11.54 2.17
N ARG A 277 13.77 11.04 2.85
CA ARG A 277 14.48 11.88 3.82
C ARG A 277 15.19 13.04 3.13
N SER A 278 15.85 12.77 2.01
CA SER A 278 16.48 13.86 1.26
C SER A 278 15.45 14.84 0.73
N LEU A 279 14.27 14.34 0.35
CA LEU A 279 13.21 15.22 -0.13
C LEU A 279 12.65 16.09 1.00
N SER A 280 12.30 15.48 2.12
CA SER A 280 11.65 16.20 3.21
C SER A 280 12.60 17.11 3.98
N PHE A 281 13.91 16.95 3.81
CA PHE A 281 14.88 17.83 4.45
C PHE A 281 15.17 19.09 3.65
N GLN A 282 14.53 19.25 2.50
CA GLN A 282 14.57 20.51 1.77
C GLN A 282 13.28 21.26 2.05
N PRO A 283 13.32 22.39 2.76
CA PRO A 283 12.06 23.06 3.13
C PRO A 283 11.18 23.41 1.94
N GLU A 284 11.78 23.74 0.79
CA GLU A 284 11.01 24.07 -0.40
C GLU A 284 10.17 22.89 -0.88
N HIS A 285 10.59 21.67 -0.58
CA HIS A 285 9.86 20.47 -0.99
C HIS A 285 8.96 19.92 0.11
N SER A 286 9.42 19.91 1.36
CA SER A 286 8.59 19.40 2.44
C SER A 286 7.29 20.18 2.56
N MET A 287 7.34 21.49 2.29
CA MET A 287 6.14 22.31 2.38
C MET A 287 5.15 22.00 1.26
N GLN A 288 5.59 21.32 0.21
CA GLN A 288 4.67 20.87 -0.84
C GLN A 288 3.96 19.58 -0.49
N LEU A 289 4.36 18.90 0.57
CA LEU A 289 3.71 17.67 1.00
C LEU A 289 2.45 18.02 1.81
N THR A 290 1.72 16.98 2.19
CA THR A 290 0.51 17.14 2.98
C THR A 290 0.78 16.81 4.45
N PRO A 291 -0.06 17.28 5.37
CA PRO A 291 0.10 16.86 6.77
C PRO A 291 0.13 15.36 6.97
N LEU A 292 -0.73 14.62 6.28
CA LEU A 292 -0.79 13.17 6.46
C LEU A 292 0.48 12.50 5.93
N VAL A 293 1.01 12.98 4.80
CA VAL A 293 2.25 12.41 4.27
C VAL A 293 3.40 12.70 5.22
N LEU A 294 3.49 13.94 5.72
CA LEU A 294 4.58 14.31 6.62
C LEU A 294 4.55 13.45 7.89
N GLU A 295 3.36 13.11 8.37
CA GLU A 295 3.26 12.35 9.61
C GLU A 295 3.52 10.86 9.39
N VAL A 296 2.96 10.30 8.32
CA VAL A 296 3.09 8.87 8.08
C VAL A 296 4.52 8.51 7.68
N PHE A 297 5.11 9.29 6.77
CA PHE A 297 6.46 9.01 6.29
C PHE A 297 7.54 9.65 7.15
N GLY A 298 7.17 10.46 8.14
CA GLY A 298 8.15 11.10 8.98
C GLY A 298 8.77 10.15 9.99
N SER A 299 9.91 10.58 10.54
CA SER A 299 10.65 9.79 11.52
C SER A 299 10.13 9.97 12.94
N GLU A 300 9.06 10.73 13.14
CA GLU A 300 8.58 11.03 14.48
C GLU A 300 8.04 9.76 15.14
N VAL A 301 8.43 9.54 16.40
CA VAL A 301 7.98 8.37 17.16
C VAL A 301 7.13 8.82 18.34
N GLU B 1 -3.03 22.27 16.13
CA GLU B 1 -4.12 21.62 15.42
C GLU B 1 -4.29 20.18 15.92
N ASN B 2 -5.49 19.62 15.70
CA ASN B 2 -5.74 18.21 15.98
C ASN B 2 -5.30 17.41 14.76
N ALA B 3 -4.20 16.69 14.89
CA ALA B 3 -3.56 16.05 13.75
C ALA B 3 -4.41 14.96 13.12
C1 UIA B 4 -5.20 14.05 11.00
C UIA B 4 -3.56 11.20 11.85
O UIA B 4 -4.42 10.42 11.44
CB UIA B 4 -3.40 13.74 9.31
C2 UIA B 4 -4.26 13.03 10.36
N UIA B 4 -4.45 15.02 11.79
N2 UIA B 4 -3.36 12.43 11.37
CA URL B 5 -2.73 9.40 13.34
C URL B 5 -4.92 10.09 15.46
O URL B 5 -5.35 8.96 15.22
CB URL B 5 -1.54 8.56 12.88
C2 URL B 5 -2.65 9.48 14.86
N URL B 5 -2.68 10.75 12.77
N2 URL B 5 -3.64 10.42 15.37
C1 URL B 5 -1.57 8.39 11.36
C3 URL B 5 -0.35 7.54 10.96
C4 URL B 5 -2.84 7.63 10.97
C MFH B 6 -7.96 10.99 13.09
O MFH B 6 -8.88 10.22 13.36
N MFH B 6 -5.72 11.06 15.92
C2 MFH B 6 -7.92 11.91 15.34
N2 MFH B 6 -7.44 11.88 13.95
CA MFH B 6 -7.15 10.86 16.14
CB MFH B 6 -7.47 11.00 17.63
CG MFH B 6 -6.78 10.02 18.35
CD1 MFH B 6 -5.56 10.29 18.94
CD2 MFH B 6 -7.33 8.75 18.46
CE1 MFH B 6 -6.68 7.76 19.18
CE2 MFH B 6 -4.89 9.30 19.65
CZ MFH B 6 -5.44 8.04 19.77
OH MFH B 6 -4.79 7.06 20.47
CA URV B 7 -8.02 10.03 10.86
C URV B 7 -7.20 7.38 12.51
O URV B 7 -8.16 6.79 12.04
CB URV B 7 -8.36 10.71 9.54
CG1 URV B 7 -9.31 11.88 9.80
CG2 URV B 7 -7.07 11.23 8.91
C2 URV B 7 -7.05 8.88 10.60
N URV B 7 -7.47 10.97 11.85
N2 URV B 7 -6.55 8.37 11.87
CA UZN B 8 -7.30 5.89 14.42
C UZN B 8 -10.40 7.47 15.37
O UZN B 8 -10.96 6.69 16.14
CB UZN B 8 -6.22 4.96 14.98
CG UZN B 8 -5.31 4.49 13.84
CD UZN B 8 -6.14 3.73 12.79
CE UZN B 8 -5.22 3.28 11.66
C2 UZN B 8 -8.21 6.37 15.56
N UZN B 8 -6.69 7.00 13.69
N2 UZN B 8 -9.10 7.42 15.07
N LYS B 9 -11.08 8.49 14.85
O2 VDX C . -3.58 2.61 -8.20
O3 VDX C . 7.81 10.28 -1.65
C1 VDX C . -2.82 3.84 -5.69
C2 VDX C . -4.12 4.14 -6.50
C3 VDX C . -3.91 3.99 -7.92
C4 VDX C . -2.76 4.90 -8.46
C5 VDX C . -1.47 4.79 -7.68
C6 VDX C . -0.26 4.83 -8.30
C7 VDX C . 1.06 4.57 -7.49
C8 VDX C . 2.23 5.05 -8.00
C9 VDX C . 2.32 5.82 -9.29
C10 VDX C . -1.69 4.77 -6.08
C11 VDX C . 3.16 7.08 -9.22
C12 VDX C . 4.34 7.06 -8.38
C13 VDX C . 4.13 6.24 -7.01
C14 VDX C . 3.62 4.96 -7.29
C15 VDX C . 3.46 4.34 -5.86
C16 VDX C . 4.76 4.98 -5.08
C17 VDX C . 5.37 5.81 -6.03
C18 VDX C . 3.10 7.03 -6.19
C19 VDX C . -1.26 5.74 -5.29
C20 VDX C . 6.17 7.01 -5.44
C21 VDX C . 7.61 6.53 -5.28
C22 VDX C . 5.68 7.52 -4.07
C23 VDX C . 6.46 8.83 -3.70
C24 VDX C . 5.69 9.66 -2.63
C25 VDX C . 6.59 10.81 -2.07
C26 VDX C . 6.82 11.89 -3.15
C27 VDX C . 5.89 11.50 -0.88
O1 VDX C . -3.10 3.97 -4.31
C ACT D . -8.56 4.72 -4.69
O ACT D . -9.77 5.05 -4.70
OXT ACT D . -7.80 4.50 -3.71
CH3 ACT D . -7.92 4.55 -6.11
C ACT E . 11.18 13.12 8.07
O ACT E . 10.82 13.99 7.22
OXT ACT E . 10.99 13.10 9.32
CH3 ACT E . 11.98 11.91 7.46
#